data_7JL4
#
_entry.id   7JL4
#
_cell.length_a   76.269
_cell.length_b   76.269
_cell.length_c   82.720
_cell.angle_alpha   90.000
_cell.angle_beta   90.000
_cell.angle_gamma   120.000
#
_symmetry.space_group_name_H-M   'P 32'
#
loop_
_entity.id
_entity.type
_entity.pdbx_description
1 polymer 'Tripartite motif-containing protein 65'
2 non-polymer GLYCEROL
3 water water
#
_entity_poly.entity_id   1
_entity_poly.type   'polypeptide(L)'
_entity_poly.pdbx_seq_one_letter_code
;LAPVPSTVCPLRRKLWQNYRNLTFDPVSANRHFYLSRQDQQVKHLRQSRGPGGPGSFELWQVQCAQSFQAGHHYWEVRAS
DHSVTLGVSYPQLPRSRLGPHTDNIGRGPSSWGLCVQEDSLQAWHNGEAQRLPGVSGRLLGMDLDLASGCLTFYSLEPQT
QPLYTFHALFNQPLTPVFWLLEGRTLTLCHQ
;
_entity_poly.pdbx_strand_id   A,C,B
#
# COMPACT_ATOMS: atom_id res chain seq x y z
N ALA A 2 -6.24 -16.69 3.32
CA ALA A 2 -4.90 -16.84 3.88
C ALA A 2 -4.48 -15.59 4.63
N PRO A 3 -4.95 -15.44 5.87
CA PRO A 3 -4.43 -14.37 6.74
C PRO A 3 -2.97 -14.62 7.09
N VAL A 4 -2.20 -13.55 7.10
CA VAL A 4 -0.77 -13.64 7.42
C VAL A 4 -0.59 -14.10 8.87
N PRO A 5 0.18 -15.14 9.14
CA PRO A 5 0.39 -15.56 10.53
C PRO A 5 1.03 -14.46 11.37
N SER A 6 0.55 -14.35 12.59
CA SER A 6 1.07 -13.51 13.65
C SER A 6 0.49 -14.07 14.94
N THR A 7 1.17 -13.87 16.06
CA THR A 7 0.63 -14.36 17.32
C THR A 7 -0.59 -13.52 17.71
N VAL A 8 -1.71 -14.19 17.92
CA VAL A 8 -2.97 -13.52 18.25
C VAL A 8 -2.84 -12.91 19.64
N CYS A 9 -3.02 -11.59 19.72
CA CYS A 9 -3.21 -10.81 20.93
C CYS A 9 -4.12 -11.54 21.91
N PRO A 10 -3.72 -11.71 23.18
CA PRO A 10 -4.59 -12.42 24.13
C PRO A 10 -5.95 -11.76 24.35
N LEU A 11 -6.04 -10.43 24.27
CA LEU A 11 -7.36 -9.81 24.34
C LEU A 11 -8.21 -10.18 23.13
N ARG A 12 -7.60 -10.22 21.95
CA ARG A 12 -8.34 -10.64 20.77
C ARG A 12 -8.77 -12.09 20.90
N ARG A 13 -7.89 -12.92 21.47
CA ARG A 13 -8.27 -14.32 21.64
C ARG A 13 -9.46 -14.46 22.57
N LYS A 14 -9.54 -13.60 23.60
CA LYS A 14 -10.70 -13.64 24.49
C LYS A 14 -11.97 -13.25 23.73
N LEU A 15 -11.89 -12.25 22.86
CA LEU A 15 -13.04 -11.86 22.05
C LEU A 15 -13.52 -13.03 21.19
N TRP A 16 -12.57 -13.79 20.64
CA TRP A 16 -12.89 -14.91 19.76
C TRP A 16 -13.64 -16.02 20.47
N GLN A 17 -13.71 -16.01 21.81
CA GLN A 17 -14.46 -17.07 22.46
C GLN A 17 -15.93 -17.04 22.07
N ASN A 18 -16.42 -15.92 21.56
CA ASN A 18 -17.79 -15.80 21.06
C ASN A 18 -17.85 -15.61 19.53
N TYR A 19 -16.86 -16.11 18.80
CA TYR A 19 -16.76 -15.82 17.37
C TYR A 19 -17.95 -16.41 16.61
N ARG A 20 -18.51 -15.61 15.69
CA ARG A 20 -19.60 -16.05 14.81
C ARG A 20 -19.21 -15.88 13.34
N ASN A 21 -19.43 -16.92 12.52
CA ASN A 21 -19.13 -16.84 11.08
C ASN A 21 -20.36 -16.31 10.32
N LEU A 22 -20.27 -15.11 9.79
CA LEU A 22 -21.39 -14.43 9.14
C LEU A 22 -21.37 -14.62 7.63
N THR A 23 -22.56 -14.51 7.01
CA THR A 23 -22.70 -14.50 5.56
C THR A 23 -23.66 -13.39 5.15
N PHE A 24 -23.45 -12.82 3.96
CA PHE A 24 -24.37 -11.79 3.47
C PHE A 24 -25.69 -12.41 3.00
N ASP A 25 -26.75 -11.62 3.08
CA ASP A 25 -28.07 -12.00 2.59
C ASP A 25 -28.23 -11.45 1.19
N PRO A 26 -28.18 -12.30 0.15
CA PRO A 26 -28.27 -11.78 -1.24
C PRO A 26 -29.59 -11.12 -1.59
N VAL A 27 -30.70 -11.47 -0.91
CA VAL A 27 -31.97 -10.84 -1.23
C VAL A 27 -31.95 -9.36 -0.83
N SER A 28 -31.22 -9.03 0.24
CA SER A 28 -31.12 -7.66 0.73
C SER A 28 -30.17 -6.79 -0.08
N ALA A 29 -29.26 -7.40 -0.83
CA ALA A 29 -28.11 -6.67 -1.34
C ALA A 29 -28.51 -5.65 -2.40
N ASN A 30 -27.89 -4.48 -2.34
CA ASN A 30 -28.14 -3.47 -3.36
C ASN A 30 -27.74 -4.04 -4.73
N ARG A 31 -28.50 -3.65 -5.76
CA ARG A 31 -28.38 -4.28 -7.08
C ARG A 31 -27.00 -4.11 -7.70
N HIS A 32 -26.23 -3.14 -7.23
CA HIS A 32 -24.87 -2.91 -7.69
C HIS A 32 -23.85 -3.78 -6.96
N PHE A 33 -24.28 -4.59 -6.01
CA PHE A 33 -23.38 -5.37 -5.17
C PHE A 33 -23.18 -6.76 -5.76
N TYR A 34 -21.93 -7.19 -5.83
CA TYR A 34 -21.55 -8.50 -6.35
C TYR A 34 -21.04 -9.34 -5.18
N LEU A 35 -21.70 -10.46 -4.92
CA LEU A 35 -21.34 -11.35 -3.82
C LEU A 35 -20.46 -12.50 -4.30
N SER A 36 -19.48 -12.89 -3.48
CA SER A 36 -18.60 -13.99 -3.85
C SER A 36 -18.18 -14.75 -2.59
N ARG A 37 -17.37 -15.78 -2.78
CA ARG A 37 -16.81 -16.56 -1.68
C ARG A 37 -17.91 -17.09 -0.75
N GLN A 38 -18.88 -17.77 -1.35
CA GLN A 38 -19.98 -18.36 -0.60
CA GLN A 38 -20.00 -18.35 -0.63
C GLN A 38 -20.66 -17.32 0.27
N ASP A 39 -20.82 -16.11 -0.29
CA ASP A 39 -21.51 -14.98 0.32
C ASP A 39 -20.80 -14.46 1.56
N GLN A 40 -19.48 -14.67 1.64
CA GLN A 40 -18.67 -14.05 2.67
C GLN A 40 -18.07 -12.71 2.25
N GLN A 41 -18.15 -12.37 0.96
CA GLN A 41 -17.50 -11.16 0.45
C GLN A 41 -18.47 -10.43 -0.47
N VAL A 42 -18.42 -9.11 -0.45
CA VAL A 42 -19.26 -8.26 -1.29
C VAL A 42 -18.45 -7.07 -1.80
N LYS A 43 -18.70 -6.67 -3.06
CA LYS A 43 -18.08 -5.51 -3.65
C LYS A 43 -19.14 -4.64 -4.32
N HIS A 44 -19.08 -3.33 -4.08
CA HIS A 44 -19.95 -2.37 -4.76
C HIS A 44 -19.35 -2.03 -6.12
N LEU A 45 -19.98 -2.50 -7.19
CA LEU A 45 -19.52 -2.31 -8.56
C LEU A 45 -20.24 -1.13 -9.21
N ARG A 46 -19.59 -0.55 -10.23
CA ARG A 46 -20.21 0.54 -10.96
C ARG A 46 -21.41 0.06 -11.78
N GLN A 47 -21.29 -1.10 -12.42
CA GLN A 47 -22.35 -1.62 -13.26
C GLN A 47 -23.42 -2.30 -12.40
N SER A 48 -24.69 -2.01 -12.69
CA SER A 48 -25.77 -2.60 -11.92
C SER A 48 -26.08 -4.01 -12.42
N ARG A 49 -26.71 -4.80 -11.56
CA ARG A 49 -27.19 -6.15 -11.88
C ARG A 49 -28.68 -6.16 -12.20
N GLY A 50 -29.17 -5.11 -12.86
CA GLY A 50 -30.59 -4.94 -13.07
C GLY A 50 -31.25 -4.51 -11.78
N PRO A 51 -32.59 -4.55 -11.72
CA PRO A 51 -33.27 -4.40 -10.43
C PRO A 51 -32.99 -5.62 -9.57
N GLY A 52 -32.39 -5.38 -8.40
CA GLY A 52 -32.05 -6.49 -7.52
C GLY A 52 -33.25 -7.29 -7.08
N GLY A 53 -34.40 -6.64 -6.95
CA GLY A 53 -35.63 -7.31 -6.60
C GLY A 53 -36.27 -6.72 -5.37
N PRO A 54 -37.40 -7.29 -4.95
CA PRO A 54 -38.04 -6.82 -3.72
C PRO A 54 -37.17 -7.13 -2.50
N GLY A 55 -37.18 -6.21 -1.54
CA GLY A 55 -36.39 -6.33 -0.34
C GLY A 55 -34.96 -5.87 -0.49
N SER A 56 -34.51 -5.55 -1.70
CA SER A 56 -33.14 -5.12 -1.89
C SER A 56 -33.01 -3.67 -1.43
N PHE A 57 -31.90 -3.37 -0.77
CA PHE A 57 -31.61 -2.00 -0.36
C PHE A 57 -31.45 -1.11 -1.59
N GLU A 58 -32.17 0.01 -1.60
CA GLU A 58 -31.89 1.09 -2.57
C GLU A 58 -30.69 1.92 -2.10
N LEU A 59 -30.54 2.06 -0.79
CA LEU A 59 -29.31 2.52 -0.20
C LEU A 59 -28.17 1.62 -0.64
N TRP A 60 -26.93 2.07 -0.44
CA TRP A 60 -25.77 1.28 -0.82
C TRP A 60 -25.42 0.33 0.32
N GLN A 61 -26.33 -0.63 0.58
CA GLN A 61 -26.26 -1.44 1.79
C GLN A 61 -26.58 -2.92 1.51
N VAL A 62 -26.17 -3.75 2.46
CA VAL A 62 -26.47 -5.18 2.44
C VAL A 62 -26.42 -5.63 3.88
N GLN A 63 -27.28 -6.61 4.24
CA GLN A 63 -27.29 -7.15 5.60
C GLN A 63 -26.87 -8.62 5.58
N CYS A 64 -26.66 -9.18 6.76
CA CYS A 64 -26.24 -10.56 6.87
C CYS A 64 -27.45 -11.46 7.08
N ALA A 65 -27.21 -12.76 6.90
CA ALA A 65 -28.26 -13.75 7.10
C ALA A 65 -28.39 -14.18 8.55
N GLN A 66 -27.62 -13.61 9.47
CA GLN A 66 -27.67 -13.97 10.87
C GLN A 66 -28.25 -12.82 11.70
N SER A 67 -28.97 -13.16 12.77
CA SER A 67 -29.48 -12.17 13.73
C SER A 67 -29.15 -12.62 15.16
N PHE A 68 -29.14 -11.67 16.11
CA PHE A 68 -28.70 -11.98 17.48
C PHE A 68 -29.65 -11.43 18.53
N GLN A 69 -29.98 -12.21 19.58
CA GLN A 69 -30.97 -11.63 20.50
C GLN A 69 -30.65 -11.72 22.00
N ALA A 70 -29.90 -12.70 22.41
CA ALA A 70 -29.36 -12.69 23.75
C ALA A 70 -27.93 -13.14 23.59
N GLY A 71 -27.24 -13.41 24.69
CA GLY A 71 -25.93 -13.99 24.61
C GLY A 71 -24.85 -12.96 24.31
N HIS A 72 -23.78 -13.44 23.68
CA HIS A 72 -22.58 -12.63 23.46
C HIS A 72 -21.96 -13.12 22.16
N HIS A 73 -21.64 -12.20 21.23
CA HIS A 73 -21.30 -12.54 19.85
C HIS A 73 -20.21 -11.60 19.37
N TYR A 74 -19.27 -12.13 18.56
CA TYR A 74 -18.14 -11.34 18.08
C TYR A 74 -17.80 -11.78 16.67
N TRP A 75 -17.45 -10.82 15.81
CA TRP A 75 -16.99 -11.18 14.47
C TRP A 75 -16.06 -10.09 13.96
N GLU A 76 -15.31 -10.43 12.92
CA GLU A 76 -14.35 -9.54 12.30
C GLU A 76 -14.63 -9.41 10.82
N VAL A 77 -14.35 -8.22 10.29
CA VAL A 77 -14.62 -7.85 8.90
CA VAL A 77 -14.58 -7.91 8.88
C VAL A 77 -13.36 -7.16 8.36
N ARG A 78 -12.99 -7.45 7.13
CA ARG A 78 -11.90 -6.71 6.47
C ARG A 78 -12.45 -5.79 5.39
N ALA A 79 -12.08 -4.51 5.45
CA ALA A 79 -12.47 -3.53 4.43
C ALA A 79 -11.32 -3.31 3.45
N SER A 80 -11.62 -3.23 2.15
CA SER A 80 -10.55 -2.97 1.18
C SER A 80 -10.03 -1.55 1.27
N ASP A 81 -10.78 -0.64 1.89
CA ASP A 81 -10.51 0.80 1.84
C ASP A 81 -11.45 1.48 2.82
N HIS A 82 -11.26 2.79 3.02
CA HIS A 82 -12.19 3.57 3.81
C HIS A 82 -13.48 3.79 3.01
N SER A 83 -14.43 4.47 3.66
CA SER A 83 -15.77 4.75 3.13
C SER A 83 -16.62 3.48 3.13
N VAL A 84 -16.68 2.83 4.30
CA VAL A 84 -17.61 1.76 4.57
C VAL A 84 -18.22 2.03 5.94
N THR A 85 -19.41 1.44 6.18
CA THR A 85 -20.07 1.54 7.48
C THR A 85 -20.40 0.14 7.95
N LEU A 86 -20.11 -0.15 9.21
CA LEU A 86 -20.38 -1.45 9.83
C LEU A 86 -21.35 -1.22 10.97
N GLY A 87 -22.43 -2.00 11.01
CA GLY A 87 -23.44 -1.74 12.02
C GLY A 87 -24.35 -2.92 12.28
N VAL A 88 -25.34 -2.68 13.14
CA VAL A 88 -26.43 -3.62 13.39
C VAL A 88 -27.73 -2.85 13.42
N SER A 89 -28.84 -3.54 13.10
CA SER A 89 -30.15 -2.89 13.07
C SER A 89 -31.23 -3.84 13.55
N TYR A 90 -32.33 -3.25 14.04
CA TYR A 90 -33.57 -3.96 14.24
C TYR A 90 -34.17 -4.27 12.87
N PRO A 91 -35.16 -5.17 12.82
CA PRO A 91 -35.77 -5.52 11.51
C PRO A 91 -36.42 -4.36 10.76
N GLN A 92 -36.74 -3.23 11.40
CA GLN A 92 -37.51 -2.20 10.70
C GLN A 92 -36.66 -1.24 9.88
N LEU A 93 -35.36 -1.48 9.75
CA LEU A 93 -34.50 -0.53 9.06
C LEU A 93 -35.00 -0.32 7.63
N PRO A 94 -35.28 0.92 7.21
CA PRO A 94 -35.81 1.13 5.86
C PRO A 94 -34.80 0.75 4.77
N ARG A 95 -35.35 0.23 3.67
CA ARG A 95 -34.56 -0.15 2.50
C ARG A 95 -34.52 0.96 1.44
N SER A 96 -35.47 1.89 1.45
CA SER A 96 -35.58 2.88 0.39
C SER A 96 -34.66 4.07 0.64
N ARG A 97 -34.26 4.70 -0.45
CA ARG A 97 -33.54 5.96 -0.45
C ARG A 97 -34.55 7.07 -0.75
N LEU A 98 -35.10 7.67 0.29
CA LEU A 98 -36.05 8.76 0.08
CA LEU A 98 -36.05 8.75 0.07
C LEU A 98 -35.38 10.09 -0.25
N GLY A 99 -34.10 10.25 0.08
CA GLY A 99 -33.44 11.52 -0.12
C GLY A 99 -32.07 11.42 -0.75
N PRO A 100 -31.23 12.43 -0.50
CA PRO A 100 -29.87 12.40 -1.06
C PRO A 100 -28.93 11.45 -0.35
N HIS A 101 -29.21 11.07 0.90
CA HIS A 101 -28.30 10.21 1.65
C HIS A 101 -28.40 8.78 1.14
N THR A 102 -27.25 8.09 1.11
CA THR A 102 -27.17 6.70 0.64
C THR A 102 -26.89 5.71 1.76
N ASP A 103 -26.68 6.20 2.98
CA ASP A 103 -26.35 5.38 4.15
C ASP A 103 -27.33 5.78 5.24
N ASN A 104 -28.11 4.83 5.76
CA ASN A 104 -29.00 5.17 6.87
C ASN A 104 -28.64 4.42 8.15
N ILE A 105 -27.46 3.80 8.20
CA ILE A 105 -27.06 3.01 9.38
C ILE A 105 -26.71 3.95 10.52
N GLY A 106 -27.41 3.83 11.64
CA GLY A 106 -27.24 4.76 12.75
C GLY A 106 -27.89 6.10 12.54
N ARG A 107 -28.70 6.26 11.50
CA ARG A 107 -29.39 7.51 11.29
C ARG A 107 -30.78 7.55 11.93
N GLY A 108 -31.11 6.55 12.74
CA GLY A 108 -32.36 6.52 13.46
C GLY A 108 -32.21 5.68 14.71
N PRO A 109 -33.28 5.53 15.48
CA PRO A 109 -33.18 4.80 16.74
C PRO A 109 -33.07 3.29 16.55
N SER A 110 -33.18 2.76 15.33
CA SER A 110 -33.23 1.31 15.15
C SER A 110 -31.90 0.70 14.71
N SER A 111 -30.83 1.49 14.63
CA SER A 111 -29.56 0.98 14.17
C SER A 111 -28.43 1.74 14.82
N TRP A 112 -27.25 1.11 14.78
CA TRP A 112 -26.03 1.65 15.37
C TRP A 112 -24.91 1.30 14.41
N GLY A 113 -23.98 2.21 14.16
CA GLY A 113 -22.95 1.93 13.17
C GLY A 113 -21.67 2.72 13.39
N LEU A 114 -20.61 2.26 12.74
CA LEU A 114 -19.31 2.92 12.76
C LEU A 114 -18.90 3.10 11.32
N CYS A 115 -18.79 4.36 10.87
CA CYS A 115 -18.38 4.61 9.50
C CYS A 115 -16.89 4.97 9.49
N VAL A 116 -16.13 4.30 8.63
CA VAL A 116 -14.70 4.54 8.50
C VAL A 116 -14.50 5.53 7.37
N GLN A 117 -13.91 6.67 7.67
CA GLN A 117 -13.68 7.68 6.65
C GLN A 117 -12.19 7.82 6.39
N GLU A 118 -11.85 8.69 5.42
CA GLU A 118 -10.46 8.89 5.03
C GLU A 118 -9.59 9.18 6.24
N ASP A 119 -10.04 10.10 7.10
CA ASP A 119 -9.17 10.63 8.15
C ASP A 119 -9.90 10.72 9.48
N SER A 120 -10.96 9.94 9.68
CA SER A 120 -11.70 9.95 10.94
C SER A 120 -12.62 8.73 10.95
N LEU A 121 -13.24 8.50 12.11
CA LEU A 121 -14.34 7.55 12.26
C LEU A 121 -15.58 8.31 12.71
N GLN A 122 -16.76 7.81 12.35
CA GLN A 122 -18.04 8.36 12.80
CA GLN A 122 -18.02 8.36 12.82
C GLN A 122 -18.83 7.25 13.48
N ALA A 123 -19.15 7.43 14.77
CA ALA A 123 -19.99 6.48 15.52
C ALA A 123 -21.42 7.02 15.51
N TRP A 124 -22.32 6.33 14.78
CA TRP A 124 -23.67 6.79 14.46
C TRP A 124 -24.74 6.08 15.29
N HIS A 125 -25.65 6.85 15.88
CA HIS A 125 -26.91 6.29 16.38
C HIS A 125 -27.93 7.43 16.46
N ASN A 126 -29.17 7.15 16.05
CA ASN A 126 -30.27 8.11 16.22
C ASN A 126 -30.01 9.41 15.43
N GLY A 127 -29.28 9.33 14.32
CA GLY A 127 -29.03 10.53 13.50
C GLY A 127 -27.89 11.41 14.01
N GLU A 128 -27.21 11.00 15.06
CA GLU A 128 -26.08 11.70 15.65
C GLU A 128 -24.80 10.90 15.45
N ALA A 129 -23.75 11.56 15.00
CA ALA A 129 -22.42 10.95 14.92
C ALA A 129 -21.44 11.56 15.92
N GLN A 130 -20.66 10.69 16.58
CA GLN A 130 -19.44 11.15 17.27
C GLN A 130 -18.26 11.02 16.30
N ARG A 131 -17.52 12.11 16.13
CA ARG A 131 -16.34 12.10 15.26
C ARG A 131 -15.12 11.67 16.07
N LEU A 132 -14.48 10.59 15.64
CA LEU A 132 -13.36 10.00 16.37
C LEU A 132 -12.10 10.08 15.52
N PRO A 133 -10.93 10.02 16.13
CA PRO A 133 -9.68 10.00 15.35
C PRO A 133 -9.66 8.86 14.35
N GLY A 134 -9.07 9.12 13.19
CA GLY A 134 -8.99 8.10 12.16
C GLY A 134 -8.07 6.97 12.55
N VAL A 135 -8.28 5.80 11.93
CA VAL A 135 -7.37 4.68 12.07
C VAL A 135 -6.92 4.20 10.69
N SER A 136 -5.69 3.70 10.61
CA SER A 136 -5.16 3.13 9.38
C SER A 136 -5.53 1.65 9.20
N GLY A 137 -5.79 0.93 10.29
CA GLY A 137 -6.11 -0.49 10.15
C GLY A 137 -7.44 -0.71 9.46
N ARG A 138 -7.49 -1.78 8.67
CA ARG A 138 -8.70 -2.13 7.94
C ARG A 138 -9.32 -3.44 8.40
N LEU A 139 -8.86 -4.01 9.51
CA LEU A 139 -9.44 -5.23 10.07
C LEU A 139 -10.20 -4.81 11.32
N LEU A 140 -11.53 -4.96 11.27
CA LEU A 140 -12.40 -4.35 12.27
C LEU A 140 -13.19 -5.44 12.96
N GLY A 141 -13.40 -5.29 14.26
CA GLY A 141 -14.18 -6.23 15.04
C GLY A 141 -15.42 -5.59 15.62
N MET A 142 -16.47 -6.40 15.80
CA MET A 142 -17.70 -5.99 16.48
C MET A 142 -18.01 -7.01 17.57
N ASP A 143 -18.05 -6.53 18.81
CA ASP A 143 -18.32 -7.33 20.01
C ASP A 143 -19.68 -6.92 20.55
N LEU A 144 -20.65 -7.84 20.49
CA LEU A 144 -22.06 -7.58 20.81
C LEU A 144 -22.41 -8.38 22.06
N ASP A 145 -22.42 -7.72 23.21
CA ASP A 145 -22.72 -8.40 24.49
C ASP A 145 -24.18 -8.11 24.81
N LEU A 146 -25.05 -9.05 24.46
CA LEU A 146 -26.47 -8.78 24.62
C LEU A 146 -26.94 -9.11 26.02
N ALA A 147 -26.08 -9.68 26.85
CA ALA A 147 -26.39 -9.78 28.27
C ALA A 147 -26.33 -8.40 28.92
N SER A 148 -25.29 -7.64 28.63
CA SER A 148 -25.08 -6.33 29.24
C SER A 148 -25.61 -5.20 28.37
N GLY A 149 -25.92 -5.46 27.11
CA GLY A 149 -26.39 -4.43 26.22
C GLY A 149 -25.30 -3.52 25.67
N CYS A 150 -24.12 -4.06 25.41
CA CYS A 150 -22.97 -3.29 24.96
C CYS A 150 -22.53 -3.73 23.57
N LEU A 151 -22.28 -2.76 22.70
CA LEU A 151 -21.74 -3.02 21.38
C LEU A 151 -20.45 -2.24 21.27
N THR A 152 -19.33 -2.93 21.07
CA THR A 152 -18.03 -2.28 20.98
C THR A 152 -17.39 -2.61 19.65
N PHE A 153 -16.90 -1.57 18.97
CA PHE A 153 -16.14 -1.72 17.74
C PHE A 153 -14.65 -1.71 18.05
N TYR A 154 -13.91 -2.57 17.35
CA TYR A 154 -12.47 -2.70 17.52
C TYR A 154 -11.74 -2.48 16.20
N SER A 155 -10.51 -1.99 16.31
CA SER A 155 -9.51 -2.16 15.27
C SER A 155 -8.57 -3.27 15.72
N LEU A 156 -8.15 -4.13 14.81
CA LEU A 156 -7.38 -5.28 15.25
C LEU A 156 -5.93 -5.20 14.77
N GLU A 157 -5.63 -4.28 13.85
CA GLU A 157 -4.26 -4.13 13.34
C GLU A 157 -3.89 -2.65 13.42
N PRO A 158 -2.71 -2.32 13.95
CA PRO A 158 -1.68 -3.26 14.44
C PRO A 158 -1.90 -3.84 15.85
N GLN A 159 -2.72 -3.21 16.69
CA GLN A 159 -3.06 -3.78 17.99
C GLN A 159 -4.56 -3.95 18.07
N THR A 160 -4.98 -4.69 19.09
CA THR A 160 -6.38 -4.76 19.47
C THR A 160 -6.72 -3.48 20.25
N GLN A 161 -7.59 -2.64 19.68
CA GLN A 161 -7.90 -1.34 20.28
C GLN A 161 -9.39 -1.06 20.17
N PRO A 162 -10.10 -0.89 21.29
CA PRO A 162 -11.50 -0.51 21.20
C PRO A 162 -11.62 0.90 20.65
N LEU A 163 -12.59 1.10 19.79
CA LEU A 163 -12.81 2.37 19.10
C LEU A 163 -13.98 3.15 19.65
N TYR A 164 -15.06 2.47 19.99
CA TYR A 164 -16.28 3.08 20.52
C TYR A 164 -17.21 2.01 21.05
N THR A 165 -17.89 2.31 22.16
CA THR A 165 -18.91 1.44 22.73
C THR A 165 -20.24 2.18 22.83
N PHE A 166 -21.30 1.56 22.29
CA PHE A 166 -22.67 1.95 22.54
C PHE A 166 -23.28 1.06 23.60
N HIS A 167 -24.15 1.66 24.43
CA HIS A 167 -24.99 0.88 25.35
C HIS A 167 -26.45 1.07 24.99
N ALA A 168 -27.23 -0.01 25.10
CA ALA A 168 -28.65 0.06 24.78
C ALA A 168 -29.35 -1.12 25.43
N LEU A 169 -30.65 -0.96 25.67
CA LEU A 169 -31.48 -2.09 26.11
C LEU A 169 -32.14 -2.67 24.85
N PHE A 170 -31.38 -3.50 24.14
CA PHE A 170 -31.84 -4.01 22.84
C PHE A 170 -33.11 -4.84 23.02
N ASN A 171 -34.17 -4.51 22.26
CA ASN A 171 -35.48 -5.13 22.47
C ASN A 171 -36.04 -5.88 21.26
N GLN A 172 -35.23 -6.08 20.23
CA GLN A 172 -35.53 -6.90 19.07
C GLN A 172 -34.22 -7.53 18.66
N PRO A 173 -34.27 -8.62 17.86
CA PRO A 173 -33.03 -9.18 17.30
C PRO A 173 -32.29 -8.17 16.43
N LEU A 174 -30.96 -8.26 16.46
CA LEU A 174 -30.07 -7.35 15.71
C LEU A 174 -29.45 -8.10 14.55
N THR A 175 -29.53 -7.49 13.37
CA THR A 175 -28.92 -8.06 12.17
C THR A 175 -27.76 -7.19 11.72
N PRO A 176 -26.55 -7.74 11.51
CA PRO A 176 -25.45 -6.93 10.97
C PRO A 176 -25.84 -6.32 9.62
N VAL A 177 -25.41 -5.07 9.39
CA VAL A 177 -25.76 -4.35 8.18
C VAL A 177 -24.60 -3.41 7.84
N PHE A 178 -24.36 -3.22 6.55
CA PHE A 178 -23.15 -2.56 6.06
C PHE A 178 -23.48 -1.59 4.92
N TRP A 179 -22.69 -0.50 4.83
CA TRP A 179 -22.77 0.46 3.73
C TRP A 179 -21.40 0.50 3.05
N LEU A 180 -21.42 0.60 1.72
CA LEU A 180 -20.19 0.57 0.92
C LEU A 180 -20.25 1.62 -0.16
N LEU A 181 -19.24 2.49 -0.21
CA LEU A 181 -19.04 3.36 -1.35
C LEU A 181 -18.72 2.51 -2.59
N GLU A 182 -18.91 3.08 -3.78
CA GLU A 182 -18.55 2.37 -5.00
C GLU A 182 -17.07 2.01 -4.99
N GLY A 183 -16.74 0.79 -5.41
CA GLY A 183 -15.37 0.31 -5.49
C GLY A 183 -14.88 -0.43 -4.25
N ARG A 184 -15.64 -0.41 -3.16
CA ARG A 184 -15.18 -1.01 -1.92
C ARG A 184 -15.57 -2.47 -1.86
N THR A 185 -14.73 -3.27 -1.20
CA THR A 185 -15.02 -4.67 -0.88
C THR A 185 -15.05 -4.84 0.63
N LEU A 186 -16.04 -5.60 1.14
CA LEU A 186 -16.03 -6.05 2.53
C LEU A 186 -16.00 -7.57 2.55
N THR A 187 -15.17 -8.14 3.45
CA THR A 187 -15.04 -9.58 3.63
C THR A 187 -15.37 -9.95 5.07
N LEU A 188 -16.36 -10.83 5.26
CA LEU A 188 -16.71 -11.34 6.57
C LEU A 188 -15.73 -12.44 6.93
N CYS A 189 -14.90 -12.23 7.96
CA CYS A 189 -13.83 -13.16 8.28
C CYS A 189 -14.40 -14.33 9.05
N HIS A 190 -13.93 -15.54 8.74
CA HIS A 190 -14.37 -16.74 9.46
C HIS A 190 -13.24 -17.31 10.30
N GLN A 191 -13.61 -17.91 11.45
CA GLN A 191 -12.64 -18.58 12.32
C GLN A 191 -13.16 -19.95 12.74
N VAL B 8 -7.19 19.67 -2.25
CA VAL B 8 -8.20 18.67 -1.91
C VAL B 8 -7.64 17.24 -1.99
N CYS B 9 -6.97 16.82 -0.91
CA CYS B 9 -6.49 15.43 -0.84
C CYS B 9 -7.56 14.40 -1.16
N PRO B 10 -8.80 14.50 -0.64
CA PRO B 10 -9.78 13.45 -0.98
C PRO B 10 -10.06 13.33 -2.47
N LEU B 11 -10.38 14.43 -3.16
CA LEU B 11 -10.58 14.33 -4.60
C LEU B 11 -9.30 13.90 -5.30
N ARG B 12 -8.14 14.30 -4.77
CA ARG B 12 -6.88 13.81 -5.29
C ARG B 12 -6.70 12.33 -5.02
N ARG B 13 -7.17 11.84 -3.87
CA ARG B 13 -7.08 10.40 -3.61
C ARG B 13 -7.97 9.62 -4.60
N LYS B 14 -9.09 10.23 -5.07
CA LYS B 14 -9.95 9.56 -6.02
C LYS B 14 -9.28 9.48 -7.41
N LEU B 15 -8.57 10.54 -7.83
CA LEU B 15 -7.77 10.43 -9.06
C LEU B 15 -6.79 9.27 -8.96
N TRP B 16 -6.25 9.06 -7.76
CA TRP B 16 -5.25 8.03 -7.51
C TRP B 16 -5.78 6.62 -7.69
N GLN B 17 -7.11 6.43 -7.77
CA GLN B 17 -7.65 5.10 -8.01
C GLN B 17 -7.12 4.49 -9.32
N ASN B 18 -6.66 5.34 -10.25
CA ASN B 18 -6.18 4.92 -11.55
C ASN B 18 -4.71 5.28 -11.75
N TYR B 19 -3.96 5.40 -10.65
CA TYR B 19 -2.61 5.94 -10.72
C TYR B 19 -1.67 5.00 -11.47
N ARG B 20 -0.88 5.56 -12.38
CA ARG B 20 0.12 4.82 -13.13
C ARG B 20 1.50 5.38 -12.88
N ASN B 21 2.49 4.49 -12.71
CA ASN B 21 3.87 4.91 -12.49
C ASN B 21 4.61 4.92 -13.83
N LEU B 22 5.00 6.13 -14.30
CA LEU B 22 5.61 6.31 -15.60
C LEU B 22 7.14 6.33 -15.52
N THR B 23 7.79 6.07 -16.66
CA THR B 23 9.23 6.22 -16.82
C THR B 23 9.53 6.79 -18.20
N PHE B 24 10.57 7.61 -18.26
CA PHE B 24 11.03 8.16 -19.53
C PHE B 24 11.72 7.09 -20.35
N ASP B 25 11.51 7.14 -21.65
CA ASP B 25 12.16 6.21 -22.57
C ASP B 25 13.55 6.76 -22.93
N PRO B 26 14.63 6.09 -22.48
CA PRO B 26 15.97 6.60 -22.77
C PRO B 26 16.39 6.43 -24.22
N VAL B 27 15.81 5.47 -24.95
CA VAL B 27 16.26 5.21 -26.31
C VAL B 27 15.97 6.39 -27.22
N SER B 28 14.95 7.17 -26.89
CA SER B 28 14.50 8.27 -27.73
C SER B 28 14.82 9.64 -27.14
N ALA B 29 15.55 9.68 -26.02
CA ALA B 29 15.85 10.96 -25.38
C ALA B 29 17.02 11.64 -26.09
N ASN B 30 16.83 12.91 -26.40
CA ASN B 30 17.81 13.72 -27.11
C ASN B 30 19.13 13.81 -26.33
N ARG B 31 20.22 14.04 -27.06
CA ARG B 31 21.56 14.11 -26.46
C ARG B 31 21.68 15.20 -25.39
N HIS B 32 20.74 16.13 -25.30
CA HIS B 32 20.80 17.15 -24.26
C HIS B 32 20.05 16.76 -23.01
N PHE B 33 19.37 15.62 -23.01
CA PHE B 33 18.50 15.25 -21.90
C PHE B 33 19.19 14.25 -21.02
N TYR B 34 19.33 14.61 -19.75
CA TYR B 34 19.99 13.78 -18.75
C TYR B 34 18.95 13.04 -17.90
N LEU B 35 18.94 11.71 -17.99
CA LEU B 35 17.98 10.89 -17.26
C LEU B 35 18.61 10.37 -15.96
N SER B 36 17.85 10.41 -14.87
CA SER B 36 18.33 9.98 -13.54
C SER B 36 17.18 9.31 -12.79
N ARG B 37 17.47 8.74 -11.60
CA ARG B 37 16.41 8.04 -10.83
C ARG B 37 15.69 6.97 -11.63
N GLN B 38 16.41 5.96 -12.08
CA GLN B 38 15.73 4.84 -12.74
C GLN B 38 14.78 5.37 -13.82
N ASP B 39 15.24 6.41 -14.52
CA ASP B 39 14.53 7.04 -15.64
C ASP B 39 13.21 7.70 -15.23
N GLN B 40 13.08 8.07 -13.95
CA GLN B 40 11.93 8.83 -13.50
C GLN B 40 12.14 10.34 -13.53
N GLN B 41 13.35 10.78 -13.83
CA GLN B 41 13.67 12.21 -13.86
C GLN B 41 14.48 12.54 -15.10
N VAL B 42 14.24 13.72 -15.67
CA VAL B 42 14.95 14.20 -16.86
C VAL B 42 15.28 15.67 -16.65
N LYS B 43 16.47 16.07 -17.10
CA LYS B 43 16.85 17.48 -17.08
C LYS B 43 17.38 17.89 -18.44
N HIS B 44 16.98 19.06 -18.92
CA HIS B 44 17.43 19.56 -20.21
C HIS B 44 18.70 20.38 -19.99
N LEU B 45 19.84 19.81 -20.37
CA LEU B 45 21.13 20.43 -20.16
C LEU B 45 21.50 21.33 -21.32
N ARG B 46 22.00 22.53 -21.02
CA ARG B 46 22.40 23.41 -22.12
C ARG B 46 23.55 22.80 -22.92
N GLN B 47 24.59 22.34 -22.23
CA GLN B 47 25.71 21.68 -22.87
C GLN B 47 25.55 20.17 -22.76
N SER B 48 25.60 19.49 -23.90
CA SER B 48 25.48 18.02 -23.90
C SER B 48 26.69 17.40 -23.20
N ARG B 49 26.44 16.30 -22.46
CA ARG B 49 27.45 15.59 -21.69
CA ARG B 49 27.55 15.63 -21.79
C ARG B 49 27.69 14.19 -22.24
N GLY B 50 27.14 13.86 -23.40
CA GLY B 50 27.25 12.56 -24.00
C GLY B 50 26.30 12.40 -25.18
N PRO B 51 26.31 11.23 -25.82
CA PRO B 51 25.65 10.98 -27.12
C PRO B 51 24.11 10.97 -27.12
N GLY B 53 20.71 8.97 -27.42
CA GLY B 53 19.91 7.80 -27.76
C GLY B 53 19.89 7.49 -29.26
N PRO B 54 19.88 6.20 -29.61
CA PRO B 54 19.95 5.84 -31.04
C PRO B 54 18.75 6.29 -31.85
N GLY B 55 17.59 6.47 -31.22
CA GLY B 55 16.38 6.78 -31.95
C GLY B 55 15.74 8.12 -31.63
N SER B 56 16.52 9.08 -31.16
CA SER B 56 15.99 10.41 -30.86
C SER B 56 15.57 11.15 -32.14
N GLU B 58 15.09 15.48 -31.65
CA GLU B 58 15.60 16.78 -32.08
C GLU B 58 14.78 17.96 -31.59
N LEU B 59 13.49 17.76 -31.39
CA LEU B 59 12.75 18.66 -30.51
C LEU B 59 13.23 18.43 -29.08
N TRP B 60 13.14 19.48 -28.25
CA TRP B 60 13.63 19.41 -26.87
C TRP B 60 12.70 18.58 -26.03
N GLN B 61 12.57 17.29 -26.36
CA GLN B 61 11.48 16.48 -25.83
C GLN B 61 11.88 15.03 -25.58
N VAL B 62 11.00 14.38 -24.84
CA VAL B 62 11.21 13.06 -24.28
C VAL B 62 9.84 12.43 -24.17
N GLN B 63 9.79 11.11 -24.32
CA GLN B 63 8.49 10.46 -24.25
C GLN B 63 8.58 9.39 -23.17
N CYS B 64 7.41 8.93 -22.71
CA CYS B 64 7.44 7.87 -21.72
C CYS B 64 7.43 6.50 -22.40
N ALA B 65 7.82 5.50 -21.63
CA ALA B 65 7.85 4.14 -22.12
C ALA B 65 6.48 3.47 -22.07
N GLN B 66 5.47 4.15 -21.56
CA GLN B 66 4.15 3.59 -21.38
C GLN B 66 3.17 4.28 -22.33
N SER B 67 2.19 3.54 -22.83
CA SER B 67 1.13 4.08 -23.67
C SER B 67 -0.21 3.55 -23.19
N PHE B 68 -1.29 4.23 -23.59
CA PHE B 68 -2.64 3.90 -23.11
C PHE B 68 -3.65 3.86 -24.25
N GLN B 69 -4.52 2.83 -24.26
CA GLN B 69 -5.52 2.72 -25.34
C GLN B 69 -6.94 2.42 -24.90
N ALA B 70 -7.20 2.10 -23.64
CA ALA B 70 -8.56 2.16 -23.14
C ALA B 70 -8.47 2.38 -21.64
N GLY B 71 -9.61 2.29 -20.96
CA GLY B 71 -9.60 2.42 -19.52
C GLY B 71 -9.44 3.87 -19.06
N HIS B 72 -8.85 4.03 -17.87
CA HIS B 72 -8.76 5.30 -17.17
C HIS B 72 -7.43 5.31 -16.46
N HIS B 73 -6.66 6.39 -16.63
CA HIS B 73 -5.28 6.43 -16.16
C HIS B 73 -4.96 7.83 -15.63
N TYR B 74 -4.19 7.89 -14.54
CA TYR B 74 -3.82 9.16 -13.90
C TYR B 74 -2.37 9.11 -13.44
N TRP B 75 -1.68 10.24 -13.53
CA TRP B 75 -0.32 10.34 -13.02
C TRP B 75 0.01 11.79 -12.73
N GLU B 76 1.04 11.99 -11.90
CA GLU B 76 1.47 13.32 -11.48
C GLU B 76 2.94 13.53 -11.85
N VAL B 77 3.28 14.79 -12.14
CA VAL B 77 4.60 15.17 -12.63
C VAL B 77 4.98 16.44 -11.90
N ARG B 78 6.20 16.52 -11.37
CA ARG B 78 6.70 17.77 -10.79
C ARG B 78 7.67 18.46 -11.74
N ALA B 79 7.40 19.74 -12.00
CA ALA B 79 8.26 20.58 -12.80
C ALA B 79 9.11 21.46 -11.88
N SER B 80 10.41 21.57 -12.21
CA SER B 80 11.30 22.43 -11.44
C SER B 80 11.04 23.91 -11.67
N ASP B 81 10.35 24.28 -12.74
CA ASP B 81 10.22 25.68 -13.12
C ASP B 81 9.16 25.76 -14.21
N HIS B 82 8.77 26.98 -14.58
CA HIS B 82 7.89 27.16 -15.73
C HIS B 82 8.65 26.89 -17.03
N SER B 83 7.93 27.01 -18.16
CA SER B 83 8.44 26.73 -19.51
C SER B 83 8.70 25.22 -19.71
N VAL B 84 7.66 24.44 -19.46
CA VAL B 84 7.63 23.02 -19.80
C VAL B 84 6.25 22.75 -20.41
N THR B 85 6.18 21.71 -21.23
CA THR B 85 4.91 21.29 -21.80
C THR B 85 4.69 19.82 -21.50
N LEU B 86 3.47 19.49 -21.07
CA LEU B 86 3.04 18.15 -20.68
C LEU B 86 1.94 17.70 -21.63
N GLY B 87 2.11 16.55 -22.26
CA GLY B 87 1.08 16.18 -23.23
C GLY B 87 1.03 14.70 -23.51
N VAL B 88 0.18 14.35 -24.49
CA VAL B 88 0.04 12.99 -25.01
C VAL B 88 -0.01 13.04 -26.53
N SER B 89 0.51 11.99 -27.17
CA SER B 89 0.59 11.93 -28.62
C SER B 89 0.20 10.54 -29.13
N TYR B 90 -0.37 10.51 -30.33
CA TYR B 90 -0.51 9.29 -31.10
C TYR B 90 0.89 8.79 -31.48
N PRO B 91 0.99 7.52 -31.92
CA PRO B 91 2.31 6.90 -32.08
C PRO B 91 3.31 7.66 -32.94
N GLN B 92 2.88 8.30 -34.03
CA GLN B 92 3.84 9.03 -34.87
C GLN B 92 3.97 10.46 -34.37
N LEU B 93 4.87 10.69 -33.36
CA LEU B 93 5.18 12.08 -33.00
C LEU B 93 6.47 12.51 -33.68
N PRO B 94 6.47 13.63 -34.40
CA PRO B 94 7.73 14.16 -34.95
C PRO B 94 8.79 14.38 -33.88
N ARG B 95 9.98 13.85 -34.15
CA ARG B 95 11.14 14.00 -33.27
C ARG B 95 12.00 15.20 -33.71
N THR B 102 10.55 24.40 -31.69
CA THR B 102 11.15 23.31 -30.93
C THR B 102 10.16 22.49 -30.11
N ASP B 103 9.09 23.11 -29.60
CA ASP B 103 8.01 22.40 -28.92
C ASP B 103 6.93 22.10 -29.95
N ASN B 104 6.75 20.83 -30.27
CA ASN B 104 5.77 20.41 -31.27
CA ASN B 104 5.75 20.44 -31.27
C ASN B 104 4.49 19.87 -30.66
N ILE B 105 4.41 19.81 -29.33
CA ILE B 105 3.26 19.19 -28.67
C ILE B 105 2.01 20.01 -28.91
N GLY B 106 0.98 19.36 -29.44
CA GLY B 106 -0.25 20.07 -29.70
C GLY B 106 -0.20 20.98 -30.90
N ARG B 107 0.89 20.94 -31.67
CA ARG B 107 1.00 21.74 -32.89
C ARG B 107 0.42 21.03 -34.11
N GLY B 108 -0.10 19.82 -33.93
CA GLY B 108 -0.86 19.15 -34.96
C GLY B 108 -2.02 18.37 -34.35
N PRO B 109 -2.78 17.66 -35.19
CA PRO B 109 -3.98 16.97 -34.70
C PRO B 109 -3.68 15.64 -34.01
N SER B 110 -2.42 15.23 -33.95
CA SER B 110 -2.06 13.94 -33.37
C SER B 110 -1.56 14.05 -31.94
N SER B 111 -1.63 15.24 -31.34
CA SER B 111 -1.12 15.39 -29.98
C SER B 111 -1.85 16.54 -29.30
N TRP B 112 -1.82 16.51 -27.96
CA TRP B 112 -2.52 17.44 -27.10
C TRP B 112 -1.56 17.81 -25.98
N GLY B 113 -1.57 19.06 -25.51
CA GLY B 113 -0.68 19.36 -24.40
C GLY B 113 -1.01 20.63 -23.66
N LEU B 114 -0.41 20.75 -22.47
CA LEU B 114 -0.50 21.95 -21.66
C LEU B 114 0.90 22.50 -21.42
N CYS B 115 1.14 23.73 -21.89
CA CYS B 115 2.41 24.41 -21.66
C CYS B 115 2.28 25.34 -20.46
N VAL B 116 3.16 25.17 -19.49
CA VAL B 116 3.17 26.01 -18.30
C VAL B 116 4.12 27.17 -18.58
N GLN B 117 3.58 28.37 -18.71
CA GLN B 117 4.41 29.54 -18.99
C GLN B 117 4.51 30.38 -17.73
N GLU B 118 5.40 31.38 -17.77
CA GLU B 118 5.60 32.20 -16.58
C GLU B 118 4.31 32.91 -16.18
N ASP B 119 3.57 33.45 -17.16
CA ASP B 119 2.39 34.26 -16.87
C ASP B 119 1.07 33.58 -17.21
N SER B 120 1.10 32.42 -17.87
CA SER B 120 -0.16 31.82 -18.28
C SER B 120 0.04 30.33 -18.47
N LEU B 121 -1.07 29.65 -18.75
CA LEU B 121 -1.08 28.31 -19.28
C LEU B 121 -1.55 28.37 -20.72
N GLN B 122 -1.00 27.50 -21.57
CA GLN B 122 -1.41 27.42 -22.96
C GLN B 122 -1.84 25.98 -23.21
N ALA B 123 -3.12 25.78 -23.57
CA ALA B 123 -3.63 24.44 -23.92
C ALA B 123 -3.59 24.28 -25.44
N TRP B 124 -2.73 23.37 -25.91
CA TRP B 124 -2.36 23.23 -27.32
C TRP B 124 -2.99 21.99 -27.93
N HIS B 125 -3.69 22.17 -29.05
CA HIS B 125 -4.05 21.07 -29.92
C HIS B 125 -4.25 21.63 -31.31
N ASN B 126 -3.77 20.89 -32.31
CA ASN B 126 -4.05 21.20 -33.72
C ASN B 126 -3.45 22.55 -34.13
N GLY B 127 -2.34 22.96 -33.51
CA GLY B 127 -1.72 24.23 -33.84
C GLY B 127 -2.40 25.43 -33.21
N GLU B 128 -3.33 25.22 -32.29
CA GLU B 128 -4.06 26.29 -31.63
C GLU B 128 -3.86 26.19 -30.13
N ALA B 129 -3.61 27.33 -29.50
CA ALA B 129 -3.41 27.42 -28.07
C ALA B 129 -4.50 28.26 -27.45
N GLN B 130 -5.05 27.78 -26.34
CA GLN B 130 -5.96 28.53 -25.49
C GLN B 130 -5.18 29.06 -24.29
N ARG B 131 -5.19 30.38 -24.12
CA ARG B 131 -4.55 31.02 -22.97
CA ARG B 131 -4.55 31.02 -22.97
C ARG B 131 -5.42 30.84 -21.74
N LEU B 132 -4.80 30.43 -20.64
CA LEU B 132 -5.48 30.21 -19.37
C LEU B 132 -4.73 30.91 -18.27
N PRO B 133 -5.38 31.19 -17.14
CA PRO B 133 -4.68 31.85 -16.03
C PRO B 133 -3.45 31.06 -15.62
N GLY B 134 -2.36 31.75 -15.33
CA GLY B 134 -1.18 31.08 -14.86
C GLY B 134 -1.41 30.42 -13.50
N VAL B 135 -0.60 29.42 -13.21
CA VAL B 135 -0.62 28.79 -11.90
C VAL B 135 0.79 28.83 -11.32
N SER B 136 0.88 29.04 -10.01
CA SER B 136 2.17 28.99 -9.34
C SER B 136 2.61 27.57 -9.04
N GLY B 137 1.65 26.65 -8.86
CA GLY B 137 1.99 25.30 -8.46
C GLY B 137 2.79 24.56 -9.51
N ARG B 138 3.61 23.62 -9.04
CA ARG B 138 4.53 22.91 -9.91
C ARG B 138 4.34 21.40 -9.85
N LEU B 139 3.29 20.93 -9.19
CA LEU B 139 2.88 19.53 -9.20
C LEU B 139 1.60 19.42 -10.02
N LEU B 140 1.69 18.80 -11.19
CA LEU B 140 0.61 18.78 -12.14
C LEU B 140 0.10 17.36 -12.30
N GLY B 141 -1.21 17.24 -12.51
CA GLY B 141 -1.85 15.94 -12.66
C GLY B 141 -2.42 15.78 -14.05
N MET B 142 -2.32 14.56 -14.60
CA MET B 142 -2.92 14.24 -15.88
C MET B 142 -3.89 13.09 -15.68
N ASP B 143 -5.18 13.36 -15.89
CA ASP B 143 -6.23 12.37 -15.75
C ASP B 143 -6.73 12.03 -17.14
N LEU B 144 -6.38 10.84 -17.63
CA LEU B 144 -6.70 10.38 -18.98
C LEU B 144 -7.83 9.36 -18.90
N ASP B 145 -9.06 9.82 -19.13
CA ASP B 145 -10.25 8.97 -19.06
C ASP B 145 -10.56 8.55 -20.50
N LEU B 146 -10.07 7.37 -20.88
CA LEU B 146 -10.25 6.92 -22.25
C LEU B 146 -11.57 6.21 -22.47
N ALA B 147 -12.31 5.89 -21.40
CA ALA B 147 -13.70 5.48 -21.57
C ALA B 147 -14.56 6.63 -22.05
N SER B 148 -14.32 7.83 -21.53
CA SER B 148 -15.11 9.01 -21.81
C SER B 148 -14.55 9.82 -22.98
N GLY B 149 -13.26 9.72 -23.23
CA GLY B 149 -12.62 10.53 -24.25
C GLY B 149 -12.20 11.90 -23.77
N CYS B 150 -11.66 12.01 -22.56
CA CYS B 150 -11.28 13.29 -21.95
CA CYS B 150 -11.24 13.30 -22.04
C CYS B 150 -9.92 13.18 -21.27
N LEU B 151 -9.15 14.26 -21.35
CA LEU B 151 -7.88 14.42 -20.64
C LEU B 151 -7.98 15.71 -19.86
N THR B 152 -7.89 15.60 -18.53
CA THR B 152 -7.99 16.75 -17.63
C THR B 152 -6.65 17.00 -16.96
N PHE B 153 -6.19 18.25 -17.00
CA PHE B 153 -4.98 18.67 -16.31
C PHE B 153 -5.36 19.29 -14.97
N TYR B 154 -4.60 18.93 -13.94
CA TYR B 154 -4.76 19.46 -12.58
C TYR B 154 -3.47 20.11 -12.11
N SER B 155 -3.64 21.13 -11.27
CA SER B 155 -2.62 21.54 -10.32
C SER B 155 -3.03 20.99 -8.95
N LEU B 156 -2.05 20.49 -8.21
CA LEU B 156 -2.32 19.85 -6.92
C LEU B 156 -1.76 20.62 -5.74
N GLU B 157 -1.05 21.72 -5.99
CA GLU B 157 -0.53 22.61 -4.96
C GLU B 157 -0.85 24.04 -5.37
N PRO B 158 -1.47 24.86 -4.48
CA PRO B 158 -1.77 24.36 -3.15
C PRO B 158 -2.90 23.42 -2.92
N GLN B 159 -3.78 23.10 -3.80
CA GLN B 159 -4.92 22.40 -3.26
C GLN B 159 -5.48 21.88 -4.57
N THR B 160 -6.26 20.81 -4.56
CA THR B 160 -6.55 20.20 -5.86
C THR B 160 -7.36 21.13 -6.78
N GLN B 161 -6.89 21.33 -8.03
CA GLN B 161 -7.54 22.26 -8.95
C GLN B 161 -7.51 21.81 -10.42
N PRO B 162 -8.66 21.54 -11.04
CA PRO B 162 -8.67 21.24 -12.49
C PRO B 162 -8.36 22.49 -13.31
N LEU B 163 -7.60 22.29 -14.40
CA LEU B 163 -7.11 23.40 -15.22
C LEU B 163 -7.74 23.46 -16.60
N TYR B 164 -7.90 22.32 -17.26
CA TYR B 164 -8.38 22.27 -18.63
C TYR B 164 -8.73 20.83 -18.96
N THR B 165 -9.76 20.65 -19.80
CA THR B 165 -10.15 19.33 -20.28
C THR B 165 -10.19 19.31 -21.80
N PHE B 166 -9.34 18.50 -22.40
CA PHE B 166 -9.47 18.16 -23.82
C PHE B 166 -10.50 17.06 -23.97
N HIS B 167 -11.38 17.19 -24.96
CA HIS B 167 -12.30 16.12 -25.35
C HIS B 167 -11.90 15.61 -26.73
N ALA B 168 -11.82 14.29 -26.87
CA ALA B 168 -11.46 13.75 -28.18
C ALA B 168 -11.92 12.32 -28.26
N LEU B 169 -12.09 11.87 -29.50
CA LEU B 169 -12.45 10.48 -29.78
C LEU B 169 -11.13 9.77 -30.09
N PHE B 170 -10.39 9.47 -29.03
CA PHE B 170 -9.03 8.95 -29.19
C PHE B 170 -9.04 7.60 -29.89
N ASN B 171 -8.26 7.49 -30.96
CA ASN B 171 -8.36 6.34 -31.84
C ASN B 171 -7.03 5.64 -32.10
N GLN B 172 -5.98 5.97 -31.34
CA GLN B 172 -4.78 5.15 -31.25
C GLN B 172 -4.25 5.23 -29.83
N PRO B 173 -3.28 4.38 -29.47
CA PRO B 173 -2.67 4.51 -28.14
C PRO B 173 -2.02 5.88 -27.98
N LEU B 174 -2.08 6.41 -26.75
CA LEU B 174 -1.50 7.70 -26.40
C LEU B 174 -0.27 7.46 -25.56
N THR B 175 0.82 8.13 -25.90
CA THR B 175 2.07 8.13 -25.18
C THR B 175 2.31 9.49 -24.55
N PRO B 176 2.58 9.54 -23.24
CA PRO B 176 2.95 10.84 -22.63
C PRO B 176 4.21 11.39 -23.27
N VAL B 177 4.18 12.68 -23.63
CA VAL B 177 5.35 13.34 -24.21
C VAL B 177 5.52 14.68 -23.51
N PHE B 178 6.76 15.19 -23.54
CA PHE B 178 7.10 16.34 -22.70
C PHE B 178 8.09 17.21 -23.44
N TRP B 179 7.96 18.53 -23.27
CA TRP B 179 8.93 19.50 -23.78
C TRP B 179 9.46 20.32 -22.62
N LEU B 180 10.76 20.61 -22.66
CA LEU B 180 11.44 21.31 -21.57
C LEU B 180 12.35 22.38 -22.14
N LEU B 181 12.22 23.60 -21.62
CA LEU B 181 13.20 24.61 -21.89
C LEU B 181 14.52 24.24 -21.21
N GLU B 182 15.64 24.72 -21.75
CA GLU B 182 16.93 24.39 -21.18
C GLU B 182 16.99 24.72 -19.69
N GLY B 183 17.64 23.84 -18.91
CA GLY B 183 17.77 24.03 -17.48
C GLY B 183 16.61 23.50 -16.64
N ARG B 184 15.52 23.05 -17.26
CA ARG B 184 14.37 22.57 -16.53
C ARG B 184 14.51 21.08 -16.22
N THR B 185 13.82 20.65 -15.16
CA THR B 185 13.72 19.24 -14.77
C THR B 185 12.25 18.87 -14.64
N LEU B 186 11.90 17.68 -15.11
CA LEU B 186 10.60 17.07 -14.83
C LEU B 186 10.83 15.76 -14.10
N THR B 187 10.04 15.50 -13.05
CA THR B 187 10.09 14.23 -12.34
C THR B 187 8.73 13.55 -12.45
N LEU B 188 8.73 12.30 -12.89
CA LEU B 188 7.51 11.50 -12.91
C LEU B 188 7.26 10.94 -11.52
N CYS B 189 6.13 11.31 -10.93
CA CYS B 189 5.82 10.91 -9.56
C CYS B 189 5.25 9.50 -9.55
N HIS B 190 5.74 8.66 -8.64
CA HIS B 190 5.25 7.31 -8.46
C HIS B 190 4.48 7.19 -7.16
N GLN B 191 3.39 6.42 -7.17
CA GLN B 191 2.64 6.12 -5.95
C GLN B 191 2.66 4.62 -5.66
N VAL C 4 15.03 -9.23 -17.04
CA VAL C 4 13.80 -9.31 -17.85
C VAL C 4 12.71 -8.39 -17.30
N PRO C 5 12.20 -7.53 -18.18
CA PRO C 5 11.08 -6.66 -17.78
C PRO C 5 9.90 -7.50 -17.33
N SER C 6 9.20 -7.00 -16.32
CA SER C 6 8.09 -7.76 -15.75
C SER C 6 7.13 -6.80 -15.06
N THR C 7 5.91 -7.27 -14.85
CA THR C 7 4.95 -6.57 -14.02
C THR C 7 5.59 -6.14 -12.70
N VAL C 8 5.43 -4.87 -12.36
CA VAL C 8 5.91 -4.36 -11.07
C VAL C 8 4.88 -4.72 -9.99
N CYS C 9 5.32 -5.42 -8.96
CA CYS C 9 4.40 -5.76 -7.87
C CYS C 9 4.06 -4.50 -7.06
N PRO C 10 2.79 -4.12 -6.96
CA PRO C 10 2.48 -2.87 -6.24
C PRO C 10 2.79 -2.94 -4.76
N LEU C 11 2.62 -4.11 -4.13
CA LEU C 11 2.98 -4.24 -2.72
C LEU C 11 4.48 -4.08 -2.51
N ARG C 12 5.29 -4.73 -3.35
CA ARG C 12 6.74 -4.58 -3.21
C ARG C 12 7.18 -3.13 -3.48
N ARG C 13 6.52 -2.45 -4.42
CA ARG C 13 6.93 -1.09 -4.77
C ARG C 13 6.65 -0.13 -3.62
N LYS C 14 5.48 -0.28 -3.02
CA LYS C 14 5.16 0.30 -1.72
C LYS C 14 6.29 0.07 -0.74
N LEU C 15 6.67 -1.22 -0.51
CA LEU C 15 7.68 -1.52 0.49
C LEU C 15 8.98 -0.81 0.19
N TRP C 16 9.34 -0.75 -1.10
CA TRP C 16 10.56 -0.09 -1.56
CA TRP C 16 10.59 -0.11 -1.50
C TRP C 16 10.58 1.39 -1.29
N GLN C 17 9.45 1.97 -0.89
CA GLN C 17 9.49 3.40 -0.66
C GLN C 17 10.33 3.72 0.56
N ASN C 18 10.63 2.71 1.39
CA ASN C 18 11.43 2.86 2.59
C ASN C 18 12.70 2.03 2.53
N TYR C 19 13.15 1.69 1.32
CA TYR C 19 14.25 0.76 1.16
C TYR C 19 15.54 1.35 1.73
N ARG C 20 16.30 0.50 2.42
CA ARG C 20 17.55 0.90 3.07
C ARG C 20 18.68 0.01 2.58
N ASN C 21 19.82 0.62 2.23
CA ASN C 21 21.03 -0.13 1.89
C ASN C 21 21.77 -0.53 3.17
N LEU C 22 21.76 -1.81 3.51
CA LEU C 22 22.44 -2.27 4.72
C LEU C 22 23.85 -2.75 4.40
N THR C 23 24.71 -2.70 5.41
CA THR C 23 26.04 -3.31 5.34
C THR C 23 26.33 -4.04 6.63
N PHE C 24 27.11 -5.12 6.54
CA PHE C 24 27.49 -5.85 7.75
C PHE C 24 28.54 -5.10 8.55
N ASP C 25 28.46 -5.25 9.87
CA ASP C 25 29.41 -4.66 10.80
C ASP C 25 30.58 -5.62 10.98
N PRO C 26 31.78 -5.32 10.45
CA PRO C 26 32.88 -6.30 10.51
C PRO C 26 33.40 -6.54 11.92
N VAL C 27 33.25 -5.57 12.83
CA VAL C 27 33.66 -5.80 14.22
C VAL C 27 32.80 -6.90 14.83
N SER C 28 31.52 -6.94 14.47
CA SER C 28 30.60 -7.88 15.11
C SER C 28 30.80 -9.31 14.62
N ALA C 29 31.34 -9.46 13.41
CA ALA C 29 31.18 -10.71 12.69
C ALA C 29 31.92 -11.86 13.37
N ASN C 30 31.27 -13.02 13.41
CA ASN C 30 31.92 -14.22 13.92
C ASN C 30 33.22 -14.48 13.15
N ARG C 31 34.24 -14.95 13.88
CA ARG C 31 35.58 -15.04 13.33
C ARG C 31 35.66 -16.00 12.13
N HIS C 32 34.64 -16.84 11.95
CA HIS C 32 34.58 -17.75 10.81
C HIS C 32 33.89 -17.14 9.58
N PHE C 33 33.46 -15.89 9.65
CA PHE C 33 32.66 -15.25 8.60
C PHE C 33 33.52 -14.42 7.68
N TYR C 34 33.23 -14.51 6.38
CA TYR C 34 34.01 -13.83 5.35
C TYR C 34 33.13 -12.80 4.65
N LEU C 35 33.53 -11.53 4.74
CA LEU C 35 32.78 -10.43 4.17
C LEU C 35 33.29 -10.09 2.77
N SER C 36 32.35 -9.73 1.89
CA SER C 36 32.72 -9.31 0.54
C SER C 36 31.63 -8.39 -0.01
N ARG C 37 31.77 -8.10 -1.29
CA ARG C 37 30.97 -7.16 -2.12
C ARG C 37 30.83 -5.81 -1.33
N GLN C 38 31.95 -5.25 -0.84
CA GLN C 38 31.90 -4.00 -0.05
C GLN C 38 30.97 -4.12 1.17
N ASP C 39 31.13 -5.24 1.88
CA ASP C 39 30.45 -5.54 3.15
C ASP C 39 28.96 -5.82 3.00
N GLN C 40 28.48 -6.12 1.80
CA GLN C 40 27.10 -6.52 1.61
C GLN C 40 26.92 -8.03 1.50
N GLN C 41 28.01 -8.80 1.57
CA GLN C 41 27.95 -10.25 1.51
C GLN C 41 28.75 -10.87 2.64
N VAL C 42 28.23 -11.95 3.21
CA VAL C 42 28.91 -12.69 4.26
C VAL C 42 28.74 -14.18 3.99
N LYS C 43 29.80 -14.94 4.25
CA LYS C 43 29.76 -16.40 4.15
C LYS C 43 30.38 -17.01 5.39
N HIS C 44 29.76 -18.08 5.90
CA HIS C 44 30.27 -18.82 7.04
C HIS C 44 31.13 -19.98 6.52
N LEU C 45 32.43 -19.91 6.80
CA LEU C 45 33.40 -20.89 6.32
C LEU C 45 33.96 -21.68 7.50
N ARG C 46 34.33 -22.94 7.24
CA ARG C 46 34.98 -23.74 8.28
C ARG C 46 36.32 -23.14 8.67
N GLN C 47 37.09 -22.68 7.68
CA GLN C 47 38.37 -22.04 7.93
C GLN C 47 38.16 -20.73 8.69
N SER C 48 38.81 -20.60 9.84
CA SER C 48 38.73 -19.36 10.60
C SER C 48 39.55 -18.28 9.92
N ARG C 49 38.93 -17.12 9.66
CA ARG C 49 39.66 -16.00 9.09
C ARG C 49 40.75 -15.52 10.03
N GLY C 50 40.45 -15.46 11.33
CA GLY C 50 41.43 -15.04 12.31
C GLY C 50 41.18 -15.65 13.67
N PRO C 51 41.88 -15.15 14.69
CA PRO C 51 41.72 -15.67 16.05
C PRO C 51 40.60 -14.97 16.81
N GLY C 52 39.74 -14.25 16.08
CA GLY C 52 38.63 -13.54 16.71
C GLY C 52 39.09 -12.30 17.45
N GLY C 53 38.21 -11.32 17.55
CA GLY C 53 38.54 -10.08 18.22
C GLY C 53 37.43 -9.62 19.15
N PRO C 54 37.68 -8.54 19.89
CA PRO C 54 36.65 -8.03 20.80
C PRO C 54 35.40 -7.63 20.02
N GLY C 55 34.25 -7.92 20.62
CA GLY C 55 32.99 -7.59 19.99
C GLY C 55 32.53 -8.54 18.92
N SER C 56 33.34 -9.53 18.55
CA SER C 56 32.86 -10.55 17.61
C SER C 56 31.84 -11.46 18.28
N PHE C 57 30.81 -11.83 17.52
CA PHE C 57 29.91 -12.88 17.96
C PHE C 57 30.65 -14.21 18.06
N GLU C 58 30.55 -14.85 19.24
CA GLU C 58 30.98 -16.24 19.35
C GLU C 58 29.95 -17.17 18.73
N LEU C 59 28.67 -16.84 18.89
CA LEU C 59 27.61 -17.45 18.11
C LEU C 59 27.86 -17.25 16.62
N TRP C 60 27.17 -18.03 15.79
CA TRP C 60 27.38 -17.97 14.33
C TRP C 60 26.56 -16.80 13.77
N GLN C 61 26.99 -15.58 14.11
CA GLN C 61 26.17 -14.41 13.82
C GLN C 61 27.00 -13.20 13.41
N VAL C 62 26.30 -12.29 12.73
CA VAL C 62 26.84 -10.98 12.38
C VAL C 62 25.66 -10.02 12.42
N GLN C 63 25.93 -8.76 12.76
CA GLN C 63 24.93 -7.71 12.72
C GLN C 63 25.31 -6.67 11.67
N CYS C 64 24.40 -5.75 11.42
CA CYS C 64 24.61 -4.68 10.44
C CYS C 64 25.14 -3.44 11.13
N ALA C 65 25.70 -2.54 10.32
CA ALA C 65 26.19 -1.27 10.83
C ALA C 65 25.06 -0.28 11.07
N GLN C 66 23.84 -0.59 10.63
CA GLN C 66 22.72 0.33 10.73
C GLN C 66 21.80 -0.09 11.87
N SER C 67 21.20 0.89 12.55
CA SER C 67 20.15 0.67 13.55
C SER C 67 18.98 1.63 13.31
N PHE C 68 17.78 1.26 13.78
CA PHE C 68 16.58 2.07 13.50
C PHE C 68 15.78 2.36 14.78
N GLN C 69 15.38 3.61 14.97
CA GLN C 69 14.68 4.01 16.18
C GLN C 69 13.31 4.64 15.95
N ALA C 70 13.07 5.21 14.78
CA ALA C 70 11.75 5.70 14.46
C ALA C 70 11.58 5.53 12.96
N GLY C 71 10.36 5.76 12.50
CA GLY C 71 10.13 5.77 11.07
C GLY C 71 9.85 4.36 10.54
N HIS C 72 9.99 4.22 9.23
CA HIS C 72 9.60 3.00 8.51
C HIS C 72 10.75 2.62 7.61
N HIS C 73 11.15 1.35 7.66
CA HIS C 73 12.38 0.92 7.02
C HIS C 73 12.19 -0.46 6.43
N TYR C 74 12.71 -0.66 5.22
CA TYR C 74 12.57 -1.94 4.54
C TYR C 74 13.88 -2.32 3.85
N TRP C 75 14.14 -3.63 3.78
CA TRP C 75 15.31 -4.11 3.06
C TRP C 75 15.07 -5.56 2.64
N GLU C 76 15.89 -6.01 1.67
CA GLU C 76 15.78 -7.38 1.17
C GLU C 76 17.13 -8.10 1.27
N VAL C 77 17.06 -9.41 1.52
CA VAL C 77 18.23 -10.24 1.75
C VAL C 77 18.07 -11.54 0.97
N ARG C 78 19.13 -11.96 0.30
CA ARG C 78 19.13 -13.22 -0.44
C ARG C 78 19.96 -14.25 0.32
N ALA C 79 19.37 -15.43 0.54
CA ALA C 79 20.03 -16.57 1.18
C ALA C 79 20.44 -17.60 0.14
N SER C 80 21.63 -18.17 0.31
CA SER C 80 22.09 -19.21 -0.60
C SER C 80 21.41 -20.55 -0.35
N ASP C 81 20.88 -20.78 0.85
CA ASP C 81 20.37 -22.08 1.26
C ASP C 81 19.55 -21.86 2.52
N HIS C 82 18.89 -22.92 3.00
CA HIS C 82 18.18 -22.80 4.26
C HIS C 82 19.15 -22.85 5.43
N SER C 83 18.61 -22.84 6.65
CA SER C 83 19.38 -22.76 7.89
C SER C 83 20.08 -21.42 8.00
N VAL C 84 19.29 -20.35 7.96
CA VAL C 84 19.71 -18.99 8.29
C VAL C 84 18.58 -18.38 9.10
N THR C 85 18.92 -17.34 9.88
CA THR C 85 17.93 -16.59 10.63
C THR C 85 18.09 -15.11 10.32
N LEU C 86 16.98 -14.42 10.07
CA LEU C 86 16.93 -12.99 9.75
C LEU C 86 16.18 -12.33 10.90
N GLY C 87 16.81 -11.35 11.56
CA GLY C 87 16.18 -10.75 12.72
C GLY C 87 16.67 -9.35 13.03
N VAL C 88 16.15 -8.81 14.14
CA VAL C 88 16.57 -7.51 14.68
C VAL C 88 16.74 -7.66 16.19
N SER C 89 17.56 -6.80 16.78
CA SER C 89 17.83 -6.87 18.20
CA SER C 89 17.78 -6.87 18.21
C SER C 89 18.02 -5.48 18.77
N TYR C 90 17.68 -5.32 20.05
CA TYR C 90 18.09 -4.15 20.82
C TYR C 90 19.60 -4.22 21.02
N PRO C 91 20.22 -3.15 21.53
CA PRO C 91 21.63 -3.31 21.81
C PRO C 91 21.87 -4.37 22.89
N LEU C 93 22.23 -7.43 22.73
CA LEU C 93 22.13 -8.88 22.48
C LEU C 93 23.47 -9.52 22.85
N PRO C 94 23.42 -10.56 23.67
CA PRO C 94 24.67 -11.23 24.06
C PRO C 94 25.41 -11.71 22.82
N ARG C 95 26.74 -11.62 22.87
CA ARG C 95 27.57 -12.14 21.81
C ARG C 95 28.24 -13.44 22.18
N SER C 96 28.20 -13.81 23.46
CA SER C 96 28.82 -15.03 23.95
C SER C 96 27.97 -16.25 23.63
N ARG C 97 28.64 -17.34 23.26
CA ARG C 97 28.00 -18.64 23.08
C ARG C 97 28.06 -19.37 24.42
N LEU C 98 26.93 -19.39 25.14
CA LEU C 98 26.92 -19.99 26.47
C LEU C 98 26.93 -21.51 26.42
N GLY C 99 26.11 -22.11 25.55
CA GLY C 99 25.96 -23.55 25.55
C GLY C 99 26.26 -24.20 24.22
N PRO C 100 25.42 -25.18 23.84
CA PRO C 100 25.55 -25.78 22.51
C PRO C 100 24.82 -24.95 21.47
N HIS C 101 23.82 -24.19 21.90
CA HIS C 101 23.08 -23.32 20.99
C HIS C 101 24.03 -22.37 20.29
N THR C 102 23.82 -22.19 18.99
CA THR C 102 24.64 -21.26 18.22
C THR C 102 23.86 -20.06 17.68
N ASP C 103 22.58 -19.96 17.99
CA ASP C 103 21.70 -18.91 17.48
C ASP C 103 20.87 -18.41 18.66
N ASN C 104 21.03 -17.14 19.02
CA ASN C 104 20.25 -16.58 20.12
C ASN C 104 19.26 -15.53 19.63
N ILE C 105 19.10 -15.40 18.32
CA ILE C 105 18.18 -14.40 17.76
C ILE C 105 16.75 -14.82 18.09
N GLY C 106 16.04 -13.97 18.83
CA GLY C 106 14.68 -14.28 19.24
C GLY C 106 14.57 -15.22 20.43
N ARG C 107 15.67 -15.53 21.10
CA ARG C 107 15.64 -16.41 22.26
C ARG C 107 15.54 -15.64 23.57
N GLY C 108 15.37 -14.33 23.52
CA GLY C 108 15.12 -13.50 24.67
C GLY C 108 14.17 -12.36 24.32
N PRO C 109 13.84 -11.53 25.30
CA PRO C 109 12.88 -10.43 25.05
C PRO C 109 13.47 -9.29 24.23
N SER C 110 14.77 -9.31 23.93
CA SER C 110 15.40 -8.19 23.25
C SER C 110 15.65 -8.43 21.77
N SER C 111 15.11 -9.50 21.18
CA SER C 111 15.31 -9.74 19.74
C SER C 111 14.12 -10.51 19.16
N TRP C 112 14.01 -10.42 17.84
CA TRP C 112 12.95 -11.01 17.04
C TRP C 112 13.59 -11.60 15.79
N GLY C 113 13.14 -12.77 15.34
CA GLY C 113 13.77 -13.35 14.16
C GLY C 113 12.91 -14.37 13.46
N LEU C 114 13.28 -14.65 12.21
CA LEU C 114 12.66 -15.67 11.37
C LEU C 114 13.76 -16.59 10.89
N CYS C 115 13.70 -17.85 11.29
CA CYS C 115 14.70 -18.83 10.87
C CYS C 115 14.11 -19.65 9.74
N VAL C 116 14.86 -19.75 8.65
CA VAL C 116 14.46 -20.56 7.49
C VAL C 116 15.07 -21.95 7.66
N GLN C 117 14.22 -22.94 7.91
CA GLN C 117 14.61 -24.33 8.02
C GLN C 117 14.26 -25.08 6.73
N GLU C 118 14.69 -26.35 6.66
CA GLU C 118 14.61 -27.10 5.40
C GLU C 118 13.16 -27.27 4.92
N ASP C 119 12.21 -27.45 5.85
CA ASP C 119 10.83 -27.67 5.46
C ASP C 119 9.86 -26.91 6.37
N SER C 120 10.30 -25.79 6.93
CA SER C 120 9.47 -24.99 7.82
C SER C 120 10.18 -23.67 8.10
N LEU C 121 9.40 -22.69 8.56
CA LEU C 121 9.91 -21.45 9.09
C LEU C 121 9.66 -21.43 10.58
N GLN C 122 10.50 -20.71 11.32
CA GLN C 122 10.33 -20.56 12.76
CA GLN C 122 10.36 -20.57 12.77
C GLN C 122 10.42 -19.08 13.10
N ALA C 123 9.36 -18.55 13.68
CA ALA C 123 9.31 -17.14 14.06
C ALA C 123 9.61 -17.05 15.55
N TRP C 124 10.77 -16.47 15.90
CA TRP C 124 11.33 -16.49 17.25
C TRP C 124 11.17 -15.15 17.95
N HIS C 125 10.66 -15.19 19.18
CA HIS C 125 10.77 -14.05 20.09
C HIS C 125 10.65 -14.55 21.52
N ASN C 126 11.47 -14.02 22.42
CA ASN C 126 11.36 -14.30 23.85
C ASN C 126 11.53 -15.79 24.16
N GLY C 127 12.32 -16.50 23.37
CA GLY C 127 12.59 -17.91 23.64
C GLY C 127 11.54 -18.85 23.11
N GLU C 128 10.53 -18.32 22.43
CA GLU C 128 9.41 -19.08 21.88
C GLU C 128 9.44 -18.97 20.36
N ALA C 129 9.21 -20.09 19.69
CA ALA C 129 9.16 -20.17 18.24
C ALA C 129 7.77 -20.60 17.76
N GLN C 130 7.26 -19.93 16.72
CA GLN C 130 6.06 -20.36 16.00
C GLN C 130 6.45 -21.07 14.71
N ARG C 131 5.96 -22.30 14.54
CA ARG C 131 6.21 -23.07 13.33
C ARG C 131 5.25 -22.63 12.23
N LEU C 132 5.81 -22.34 11.07
CA LEU C 132 5.09 -21.93 9.88
C LEU C 132 5.42 -22.87 8.74
N PRO C 133 4.59 -22.93 7.69
CA PRO C 133 4.94 -23.77 6.54
C PRO C 133 6.25 -23.34 5.90
N GLY C 134 6.99 -24.32 5.40
CA GLY C 134 8.21 -24.02 4.67
C GLY C 134 7.92 -23.26 3.38
N VAL C 135 8.89 -22.44 2.98
CA VAL C 135 8.83 -21.75 1.70
C VAL C 135 10.11 -22.07 0.94
N SER C 136 9.99 -22.22 -0.37
CA SER C 136 11.13 -22.46 -1.23
CA SER C 136 11.15 -22.46 -1.22
C SER C 136 11.87 -21.18 -1.61
N GLY C 137 11.25 -20.02 -1.42
CA GLY C 137 11.86 -18.78 -1.88
C GLY C 137 13.05 -18.38 -1.04
N ARG C 138 14.02 -17.72 -1.68
CA ARG C 138 15.26 -17.37 -1.03
C ARG C 138 15.59 -15.88 -1.09
N LEU C 139 14.69 -15.06 -1.64
CA LEU C 139 14.79 -13.60 -1.57
C LEU C 139 13.76 -13.14 -0.55
N LEU C 140 14.24 -12.62 0.58
CA LEU C 140 13.39 -12.33 1.72
C LEU C 140 13.43 -10.83 2.00
N GLY C 141 12.31 -10.31 2.50
CA GLY C 141 12.20 -8.91 2.85
C GLY C 141 11.86 -8.77 4.32
N MET C 142 12.29 -7.65 4.90
CA MET C 142 11.98 -7.32 6.28
C MET C 142 11.47 -5.89 6.28
N ASP C 143 10.22 -5.69 6.71
CA ASP C 143 9.61 -4.36 6.78
C ASP C 143 9.45 -3.97 8.25
N LEU C 144 10.16 -2.93 8.66
CA LEU C 144 10.19 -2.52 10.07
C LEU C 144 9.45 -1.19 10.21
N ASP C 145 8.18 -1.25 10.59
CA ASP C 145 7.33 -0.07 10.71
C ASP C 145 7.32 0.32 12.18
N LEU C 146 8.20 1.25 12.55
CA LEU C 146 8.36 1.60 13.95
C LEU C 146 7.31 2.59 14.43
N ALA C 147 6.60 3.24 13.52
CA ALA C 147 5.47 4.07 13.94
C ALA C 147 4.30 3.21 14.41
N SER C 148 4.07 2.08 13.74
CA SER C 148 3.00 1.16 14.11
C SER C 148 3.47 0.04 15.02
N GLY C 149 4.78 -0.16 15.15
CA GLY C 149 5.34 -1.23 15.96
C GLY C 149 5.28 -2.61 15.34
N CYS C 150 5.56 -2.72 14.04
CA CYS C 150 5.33 -3.96 13.30
C CYS C 150 6.60 -4.40 12.58
N LEU C 151 6.93 -5.67 12.67
CA LEU C 151 7.99 -6.25 11.86
C LEU C 151 7.39 -7.36 11.01
N THR C 152 7.43 -7.20 9.69
CA THR C 152 6.83 -8.16 8.77
C THR C 152 7.90 -8.72 7.85
N PHE C 153 7.93 -10.06 7.76
CA PHE C 153 8.80 -10.80 6.85
C PHE C 153 8.04 -11.17 5.59
N TYR C 154 8.72 -11.05 4.46
CA TYR C 154 8.18 -11.40 3.15
C TYR C 154 9.11 -12.36 2.42
N SER C 155 8.51 -13.18 1.56
CA SER C 155 9.21 -13.81 0.45
C SER C 155 8.84 -13.07 -0.81
N LEU C 156 9.82 -12.83 -1.69
CA LEU C 156 9.56 -11.91 -2.77
C LEU C 156 9.48 -12.61 -4.13
N GLU C 157 9.86 -13.88 -4.22
CA GLU C 157 9.81 -14.55 -5.51
C GLU C 157 9.30 -15.99 -5.37
N PRO C 158 8.47 -16.45 -6.32
CA PRO C 158 8.08 -15.76 -7.56
C PRO C 158 7.18 -14.53 -7.34
N GLN C 159 6.46 -14.48 -6.24
CA GLN C 159 5.53 -13.38 -6.00
C GLN C 159 5.82 -12.82 -4.61
N THR C 160 5.27 -11.65 -4.29
CA THR C 160 5.35 -11.12 -2.93
C THR C 160 4.39 -11.86 -2.01
N GLN C 161 4.93 -12.43 -0.91
CA GLN C 161 4.12 -13.21 0.02
C GLN C 161 4.50 -12.86 1.45
N PRO C 162 3.65 -12.16 2.18
CA PRO C 162 3.96 -11.92 3.60
C PRO C 162 4.01 -13.27 4.31
N LEU C 163 4.97 -13.42 5.21
CA LEU C 163 5.19 -14.68 5.91
C LEU C 163 4.76 -14.64 7.37
N TYR C 164 5.01 -13.53 8.05
CA TYR C 164 4.79 -13.40 9.49
C TYR C 164 4.93 -11.94 9.87
N THR C 165 4.12 -11.51 10.83
CA THR C 165 4.26 -10.20 11.45
C THR C 165 4.41 -10.34 12.96
N PHE C 166 5.41 -9.67 13.53
CA PHE C 166 5.47 -9.43 14.96
C PHE C 166 4.94 -8.02 15.25
N HIS C 167 4.21 -7.86 16.35
CA HIS C 167 3.92 -6.55 16.89
CA HIS C 167 3.89 -6.56 16.91
C HIS C 167 4.62 -6.39 18.23
N ALA C 168 5.23 -5.23 18.43
CA ALA C 168 5.91 -4.92 19.67
C ALA C 168 5.85 -3.43 19.91
N LEU C 169 5.98 -3.07 21.19
CA LEU C 169 6.18 -1.68 21.59
C LEU C 169 7.69 -1.42 21.68
N PHE C 170 8.33 -1.35 20.52
CA PHE C 170 9.79 -1.22 20.47
C PHE C 170 10.23 0.02 21.25
N ASN C 171 11.26 -0.14 22.10
CA ASN C 171 11.65 0.92 23.00
C ASN C 171 13.15 1.20 23.01
N GLN C 172 13.92 0.55 22.14
CA GLN C 172 15.31 0.90 21.88
C GLN C 172 15.57 0.77 20.40
N PRO C 173 16.66 1.34 19.89
CA PRO C 173 17.01 1.15 18.47
C PRO C 173 17.20 -0.32 18.14
N LEU C 174 16.82 -0.70 16.92
CA LEU C 174 16.90 -2.08 16.46
C LEU C 174 17.98 -2.22 15.41
N THR C 175 18.83 -3.22 15.56
CA THR C 175 19.90 -3.53 14.63
C THR C 175 19.61 -4.84 13.94
N PRO C 176 19.61 -4.89 12.60
CA PRO C 176 19.48 -6.19 11.92
C PRO C 176 20.59 -7.13 12.34
N VAL C 177 20.24 -8.40 12.56
CA VAL C 177 21.23 -9.37 12.99
C VAL C 177 20.85 -10.71 12.38
N PHE C 178 21.86 -11.53 12.07
CA PHE C 178 21.64 -12.74 11.28
C PHE C 178 22.43 -13.92 11.82
N TRP C 179 21.87 -15.12 11.63
CA TRP C 179 22.52 -16.38 11.98
C TRP C 179 22.72 -17.20 10.71
N LEU C 180 23.89 -17.85 10.60
CA LEU C 180 24.26 -18.62 9.41
C LEU C 180 24.85 -19.97 9.80
N LEU C 181 24.26 -21.06 9.29
CA LEU C 181 24.86 -22.39 9.35
C LEU C 181 26.08 -22.50 8.44
N GLU C 182 26.93 -23.50 8.68
CA GLU C 182 28.25 -23.48 8.07
C GLU C 182 27.96 -23.34 6.60
N GLY C 183 28.79 -22.64 5.88
CA GLY C 183 28.69 -22.82 4.44
C GLY C 183 27.61 -22.02 3.74
N ARG C 184 26.80 -21.26 4.48
CA ARG C 184 25.74 -20.42 3.92
C ARG C 184 26.28 -19.05 3.56
N THR C 185 25.62 -18.39 2.62
CA THR C 185 25.95 -17.01 2.27
C THR C 185 24.69 -16.17 2.38
N LEU C 186 24.82 -14.98 2.98
CA LEU C 186 23.77 -13.98 2.97
C LEU C 186 24.27 -12.76 2.22
N THR C 187 23.40 -12.18 1.41
CA THR C 187 23.70 -10.96 0.68
C THR C 187 22.61 -9.96 1.00
N LEU C 188 22.99 -8.78 1.50
CA LEU C 188 22.08 -7.67 1.68
C LEU C 188 21.87 -7.01 0.32
N CYS C 189 20.63 -6.96 -0.14
CA CYS C 189 20.38 -6.47 -1.49
C CYS C 189 20.46 -4.95 -1.51
N HIS C 190 21.04 -4.40 -2.57
CA HIS C 190 21.22 -2.97 -2.64
C HIS C 190 20.10 -2.33 -3.46
N GLN C 191 19.73 -1.12 -3.06
CA GLN C 191 18.82 -0.25 -3.80
C GLN C 191 19.27 0.00 -5.24
#